data_3UON
#
_entry.id   3UON
#
_cell.length_a   78.17
_cell.length_b   47.26
_cell.length_c   88.12
_cell.angle_alpha   90.0
_cell.angle_beta   109.7
_cell.angle_gamma   90.0
#
_symmetry.space_group_name_H-M   'P 1 21 1'
#
loop_
_entity.id
_entity.type
_entity.pdbx_description
1 polymer 'Human M2 muscarinic acetylcholine, receptor T4 lysozyme fusion protein'
2 non-polymer '(3R)-1-azabicyclo[2.2.2]oct-3-yl hydroxy(diphenyl)acetate'
3 non-polymer beta-D-glucopyranose
4 non-polymer 'CHLORIDE ION'
5 water water
#
_entity_poly.entity_id   1
_entity_poly.type   'polypeptide(L)'
_entity_poly.pdbx_seq_one_letter_code
;MDDSTDSSDNSLALTSPYKTFEVVFIVLVAGSLSLVTIIGNILVMVSIKVNRHLQTVNNYFLFSLACADLIIGVFSMNLY
TLYTVIGYWPLGPVVCDLWLALDYVVSNASVMNLLIISFDRYFCVTKPLTYPVKRTTKMAGMMIAAAWVLSFILWAPAIL
FWQFIVGVRTVEDGECYIQFFSNAAVTFGTAIAAFYLPVIIMTVLYWHISRASKSRINIFEMLRIDEGLRLKIYKDTEGY
YTIGIGHLLTKSPSLNAAKSELDKAIGRNTNGVITKDEAEKLFNQDVDAAVRGILRNAKLKPVYDSLDAVRRAALINMVF
QMGETGVAGFTNSLRMLQQKRWDEAAVNLAKSRWYNQTPNRAKRVITTFRTGTWDAYPPPSREKKVTRTILAILLAFIIT
WAPYNVMVLINTFCAPCIPNTVWTIGYWLCYINSTINPACYALCNATFKKTFKHLLMCHYKNIGATR
;
_entity_poly.pdbx_strand_id   A
#
loop_
_chem_comp.id
_chem_comp.type
_chem_comp.name
_chem_comp.formula
BGC D-saccharide, beta linking beta-D-glucopyranose 'C6 H12 O6'
CL non-polymer 'CHLORIDE ION' 'Cl -1'
QNB non-polymer '(3R)-1-azabicyclo[2.2.2]oct-3-yl hydroxy(diphenyl)acetate' 'C21 H23 N O3'
#
# COMPACT_ATOMS: atom_id res chain seq x y z
N THR A 20 6.44 40.06 -16.93
CA THR A 20 6.46 41.29 -17.70
C THR A 20 6.16 41.03 -19.19
N PHE A 21 7.20 41.02 -20.01
CA PHE A 21 7.05 40.76 -21.44
C PHE A 21 7.27 39.27 -21.72
N GLU A 22 7.84 38.58 -20.74
CA GLU A 22 8.22 37.18 -20.86
C GLU A 22 7.08 36.24 -20.45
N VAL A 23 5.89 36.81 -20.28
CA VAL A 23 4.73 36.04 -19.79
C VAL A 23 4.52 34.73 -20.52
N VAL A 24 4.52 34.77 -21.85
CA VAL A 24 4.24 33.59 -22.67
C VAL A 24 5.07 32.38 -22.26
N PHE A 25 6.31 32.62 -21.84
CA PHE A 25 7.20 31.54 -21.40
C PHE A 25 6.64 30.85 -20.16
N ILE A 26 6.35 31.65 -19.13
CA ILE A 26 5.79 31.12 -17.88
C ILE A 26 4.52 30.32 -18.15
N VAL A 27 3.63 30.89 -18.94
CA VAL A 27 2.35 30.25 -19.24
C VAL A 27 2.55 28.91 -19.93
N LEU A 28 3.50 28.85 -20.85
CA LEU A 28 3.81 27.60 -21.54
C LEU A 28 4.35 26.54 -20.57
N VAL A 29 5.33 26.94 -19.75
CA VAL A 29 5.92 26.05 -18.77
C VAL A 29 4.87 25.51 -17.79
N ALA A 30 4.22 26.41 -17.07
CA ALA A 30 3.20 26.03 -16.10
C ALA A 30 2.06 25.27 -16.77
N GLY A 31 1.69 25.69 -17.98
CA GLY A 31 0.66 25.03 -18.74
C GLY A 31 1.04 23.59 -19.07
N SER A 32 2.26 23.41 -19.57
CA SER A 32 2.77 22.08 -19.90
C SER A 32 2.80 21.20 -18.66
N LEU A 33 3.39 21.72 -17.59
CA LEU A 33 3.49 21.01 -16.34
C LEU A 33 2.12 20.55 -15.85
N SER A 34 1.13 21.44 -15.92
CA SER A 34 -0.22 21.10 -15.51
C SER A 34 -0.81 20.04 -16.42
N LEU A 35 -0.44 20.10 -17.70
CA LEU A 35 -0.92 19.14 -18.68
C LEU A 35 -0.35 17.75 -18.39
N VAL A 36 0.95 17.68 -18.15
CA VAL A 36 1.60 16.42 -17.82
C VAL A 36 0.96 15.80 -16.59
N THR A 37 0.66 16.63 -15.60
CA THR A 37 0.05 16.16 -14.36
C THR A 37 -1.32 15.56 -14.59
N ILE A 38 -2.18 16.28 -15.31
CA ILE A 38 -3.56 15.81 -15.52
C ILE A 38 -3.63 14.56 -16.39
N ILE A 39 -2.91 14.54 -17.49
CA ILE A 39 -2.91 13.38 -18.37
C ILE A 39 -2.20 12.20 -17.72
N GLY A 40 -1.31 12.49 -16.78
CA GLY A 40 -0.56 11.46 -16.09
C GLY A 40 -1.40 10.69 -15.09
N ASN A 41 -2.16 11.41 -14.28
CA ASN A 41 -3.02 10.80 -13.27
C ASN A 41 -4.26 10.16 -13.87
N ILE A 42 -4.86 10.84 -14.85
CA ILE A 42 -5.97 10.27 -15.58
C ILE A 42 -5.52 8.97 -16.24
N LEU A 43 -4.26 8.93 -16.65
CA LEU A 43 -3.69 7.75 -17.27
C LEU A 43 -3.58 6.61 -16.25
N VAL A 44 -3.30 6.97 -15.01
CA VAL A 44 -3.22 6.01 -13.92
C VAL A 44 -4.60 5.48 -13.56
N MET A 45 -5.53 6.40 -13.31
CA MET A 45 -6.90 6.03 -12.98
C MET A 45 -7.48 5.10 -14.04
N VAL A 46 -7.25 5.43 -15.31
CA VAL A 46 -7.71 4.61 -16.42
C VAL A 46 -6.98 3.27 -16.44
N SER A 47 -5.65 3.32 -16.31
CA SER A 47 -4.84 2.10 -16.30
C SER A 47 -5.34 1.07 -15.30
N ILE A 48 -5.79 1.55 -14.14
CA ILE A 48 -6.30 0.67 -13.09
C ILE A 48 -7.70 0.16 -13.41
N LYS A 49 -8.55 1.06 -13.90
CA LYS A 49 -9.94 0.74 -14.23
C LYS A 49 -10.02 -0.28 -15.37
N VAL A 50 -9.13 -0.14 -16.35
CA VAL A 50 -9.22 -0.93 -17.58
C VAL A 50 -8.38 -2.21 -17.56
N ASN A 51 -7.49 -2.34 -16.59
CA ASN A 51 -6.65 -3.54 -16.49
C ASN A 51 -6.88 -4.31 -15.20
N ARG A 52 -7.43 -5.51 -15.34
CA ARG A 52 -7.73 -6.35 -14.19
C ARG A 52 -6.49 -6.67 -13.36
N HIS A 53 -5.36 -6.80 -14.03
CA HIS A 53 -4.10 -7.11 -13.36
C HIS A 53 -3.68 -6.00 -12.38
N LEU A 54 -4.11 -4.77 -12.65
CA LEU A 54 -3.74 -3.61 -11.84
C LEU A 54 -4.76 -3.31 -10.76
N GLN A 55 -5.77 -4.17 -10.64
CA GLN A 55 -6.87 -3.94 -9.70
C GLN A 55 -6.61 -4.58 -8.34
N THR A 56 -5.93 -3.85 -7.45
CA THR A 56 -5.61 -4.34 -6.13
C THR A 56 -5.85 -3.25 -5.08
N VAL A 57 -6.06 -3.64 -3.82
CA VAL A 57 -6.31 -2.68 -2.77
C VAL A 57 -5.20 -1.62 -2.70
N ASN A 58 -3.96 -2.05 -2.93
CA ASN A 58 -2.84 -1.13 -2.94
C ASN A 58 -3.03 -0.09 -4.03
N ASN A 59 -3.48 -0.57 -5.19
CA ASN A 59 -3.74 0.30 -6.33
C ASN A 59 -4.99 1.16 -6.14
N TYR A 60 -5.87 0.74 -5.23
CA TYR A 60 -7.01 1.56 -4.87
C TYR A 60 -6.52 2.80 -4.15
N PHE A 61 -5.53 2.62 -3.30
CA PHE A 61 -4.89 3.73 -2.61
C PHE A 61 -4.25 4.67 -3.63
N LEU A 62 -3.53 4.09 -4.58
CA LEU A 62 -2.89 4.88 -5.64
C LEU A 62 -3.94 5.56 -6.51
N PHE A 63 -5.11 4.94 -6.59
CA PHE A 63 -6.22 5.52 -7.33
C PHE A 63 -6.70 6.79 -6.64
N SER A 64 -6.84 6.71 -5.32
CA SER A 64 -7.23 7.87 -4.53
C SER A 64 -6.20 8.98 -4.68
N LEU A 65 -4.94 8.63 -4.50
CA LEU A 65 -3.83 9.56 -4.67
C LEU A 65 -3.89 10.23 -6.04
N ALA A 66 -4.19 9.44 -7.06
CA ALA A 66 -4.27 9.95 -8.43
C ALA A 66 -5.39 10.97 -8.60
N CYS A 67 -6.48 10.76 -7.88
CA CYS A 67 -7.61 11.69 -7.90
C CYS A 67 -7.19 13.03 -7.33
N ALA A 68 -6.67 13.00 -6.11
CA ALA A 68 -6.16 14.19 -5.44
C ALA A 68 -5.14 14.92 -6.32
N ASP A 69 -4.19 14.17 -6.86
CA ASP A 69 -3.15 14.75 -7.71
C ASP A 69 -3.71 15.30 -9.02
N LEU A 70 -4.80 14.71 -9.50
CA LEU A 70 -5.45 15.21 -10.70
C LEU A 70 -6.04 16.60 -10.46
N ILE A 71 -6.76 16.74 -9.34
CA ILE A 71 -7.36 18.00 -8.96
C ILE A 71 -6.32 19.11 -8.79
N ILE A 72 -5.17 18.73 -8.23
CA ILE A 72 -4.06 19.66 -8.07
C ILE A 72 -3.58 20.17 -9.43
N GLY A 73 -3.58 19.28 -10.42
CA GLY A 73 -3.12 19.62 -11.76
C GLY A 73 -4.08 20.51 -12.51
N VAL A 74 -5.38 20.28 -12.31
CA VAL A 74 -6.40 21.06 -13.00
C VAL A 74 -6.69 22.40 -12.32
N PHE A 75 -6.76 22.40 -10.99
CA PHE A 75 -7.15 23.59 -10.24
C PHE A 75 -5.98 24.32 -9.59
N SER A 76 -5.37 23.71 -8.59
CA SER A 76 -4.34 24.36 -7.80
C SER A 76 -3.22 24.99 -8.64
N MET A 77 -2.58 24.17 -9.48
CA MET A 77 -1.49 24.66 -10.33
C MET A 77 -1.92 25.86 -11.17
N ASN A 78 -2.97 25.66 -11.96
CA ASN A 78 -3.45 26.70 -12.88
C ASN A 78 -3.81 28.02 -12.19
N LEU A 79 -4.69 27.96 -11.20
CA LEU A 79 -5.11 29.16 -10.48
C LEU A 79 -3.96 29.85 -9.76
N TYR A 80 -3.05 29.06 -9.18
CA TYR A 80 -1.89 29.62 -8.51
C TYR A 80 -0.99 30.36 -9.49
N THR A 81 -0.78 29.76 -10.66
CA THR A 81 -0.03 30.41 -11.72
C THR A 81 -0.65 31.76 -12.06
N LEU A 82 -1.95 31.76 -12.32
CA LEU A 82 -2.69 32.98 -12.58
C LEU A 82 -2.43 34.02 -11.51
N TYR A 83 -2.50 33.60 -10.25
CA TYR A 83 -2.34 34.49 -9.12
C TYR A 83 -0.94 35.08 -9.03
N THR A 84 0.06 34.31 -9.45
CA THR A 84 1.45 34.72 -9.35
C THR A 84 1.93 35.55 -10.55
N VAL A 85 1.46 35.20 -11.74
CA VAL A 85 1.85 35.94 -12.95
C VAL A 85 1.21 37.32 -12.98
N ILE A 86 -0.04 37.40 -12.55
CA ILE A 86 -0.80 38.64 -12.65
C ILE A 86 -0.54 39.59 -11.47
N GLY A 87 0.10 39.06 -10.42
CA GLY A 87 0.49 39.88 -9.28
C GLY A 87 -0.57 40.01 -8.20
N TYR A 88 -1.80 39.63 -8.51
CA TYR A 88 -2.90 39.71 -7.54
C TYR A 88 -3.97 38.68 -7.86
N TRP A 89 -5.08 38.74 -7.13
CA TRP A 89 -6.18 37.80 -7.34
C TRP A 89 -7.38 38.49 -7.99
N PRO A 90 -7.67 38.14 -9.26
CA PRO A 90 -8.73 38.79 -10.02
C PRO A 90 -10.09 38.09 -9.93
N LEU A 91 -10.14 36.89 -9.37
CA LEU A 91 -11.33 36.05 -9.47
C LEU A 91 -12.41 36.24 -8.39
N GLY A 92 -12.07 36.94 -7.31
CA GLY A 92 -13.05 37.22 -6.28
C GLY A 92 -12.93 36.33 -5.05
N PRO A 93 -13.60 36.72 -3.96
CA PRO A 93 -13.50 36.05 -2.65
C PRO A 93 -14.05 34.63 -2.65
N VAL A 94 -15.24 34.44 -3.20
CA VAL A 94 -15.91 33.14 -3.18
C VAL A 94 -15.11 32.05 -3.90
N VAL A 95 -14.63 32.34 -5.10
CA VAL A 95 -13.82 31.38 -5.84
C VAL A 95 -12.45 31.21 -5.16
N CYS A 96 -12.02 32.26 -4.47
CA CYS A 96 -10.78 32.20 -3.71
C CYS A 96 -10.91 31.20 -2.58
N ASP A 97 -12.02 31.27 -1.86
CA ASP A 97 -12.24 30.38 -0.72
C ASP A 97 -12.41 28.91 -1.15
N LEU A 98 -13.11 28.70 -2.25
CA LEU A 98 -13.25 27.35 -2.79
C LEU A 98 -11.89 26.79 -3.21
N TRP A 99 -11.08 27.64 -3.82
CA TRP A 99 -9.75 27.23 -4.28
C TRP A 99 -8.87 26.77 -3.13
N LEU A 100 -8.84 27.55 -2.06
CA LEU A 100 -8.02 27.21 -0.89
C LEU A 100 -8.54 25.94 -0.23
N ALA A 101 -9.84 25.90 0.02
CA ALA A 101 -10.47 24.71 0.60
C ALA A 101 -10.07 23.47 -0.19
N LEU A 102 -10.33 23.49 -1.48
CA LEU A 102 -10.01 22.38 -2.37
C LEU A 102 -8.56 21.94 -2.20
N ASP A 103 -7.65 22.91 -2.27
CA ASP A 103 -6.22 22.65 -2.16
C ASP A 103 -5.86 21.95 -0.84
N TYR A 104 -6.27 22.55 0.27
CA TYR A 104 -5.97 22.00 1.59
C TYR A 104 -6.72 20.71 1.89
N VAL A 105 -7.95 20.59 1.38
CA VAL A 105 -8.74 19.38 1.61
C VAL A 105 -8.13 18.17 0.92
N VAL A 106 -7.70 18.36 -0.33
CA VAL A 106 -7.10 17.28 -1.10
C VAL A 106 -5.68 16.96 -0.61
N SER A 107 -4.97 17.99 -0.15
CA SER A 107 -3.64 17.80 0.43
C SER A 107 -3.73 16.94 1.68
N ASN A 108 -4.71 17.23 2.53
CA ASN A 108 -4.94 16.45 3.74
C ASN A 108 -5.35 15.01 3.40
N ALA A 109 -6.18 14.86 2.37
CA ALA A 109 -6.57 13.56 1.89
C ALA A 109 -5.34 12.76 1.50
N SER A 110 -4.44 13.41 0.77
CA SER A 110 -3.20 12.78 0.32
C SER A 110 -2.37 12.25 1.49
N VAL A 111 -2.12 13.10 2.48
CA VAL A 111 -1.31 12.71 3.62
C VAL A 111 -1.97 11.59 4.44
N MET A 112 -3.30 11.61 4.51
CA MET A 112 -4.01 10.56 5.23
C MET A 112 -3.96 9.24 4.47
N ASN A 113 -3.95 9.32 3.14
CA ASN A 113 -3.77 8.12 2.32
C ASN A 113 -2.41 7.50 2.57
N LEU A 114 -1.38 8.35 2.68
CA LEU A 114 -0.06 7.89 3.04
C LEU A 114 -0.08 7.21 4.40
N LEU A 115 -0.87 7.76 5.32
CA LEU A 115 -1.04 7.17 6.64
C LEU A 115 -1.68 5.80 6.54
N ILE A 116 -2.77 5.70 5.79
CA ILE A 116 -3.48 4.44 5.61
C ILE A 116 -2.56 3.37 5.03
N ILE A 117 -1.80 3.74 4.00
CA ILE A 117 -0.82 2.84 3.41
C ILE A 117 0.18 2.37 4.47
N SER A 118 0.62 3.30 5.31
CA SER A 118 1.55 2.98 6.39
C SER A 118 0.97 1.96 7.35
N PHE A 119 -0.25 2.21 7.81
CA PHE A 119 -0.93 1.29 8.72
C PHE A 119 -1.13 -0.07 8.06
N ASP A 120 -1.44 -0.07 6.76
CA ASP A 120 -1.62 -1.30 6.02
C ASP A 120 -0.33 -2.13 6.04
N ARG A 121 0.78 -1.50 5.73
CA ARG A 121 2.09 -2.16 5.78
C ARG A 121 2.41 -2.69 7.16
N TYR A 122 2.12 -1.89 8.19
CA TYR A 122 2.39 -2.29 9.56
C TYR A 122 1.69 -3.59 9.91
N PHE A 123 0.39 -3.63 9.68
CA PHE A 123 -0.41 -4.81 9.99
C PHE A 123 -0.01 -6.03 9.15
N CYS A 124 0.23 -5.80 7.86
CA CYS A 124 0.68 -6.86 6.96
C CYS A 124 1.96 -7.49 7.48
N VAL A 125 2.91 -6.65 7.89
CA VAL A 125 4.20 -7.12 8.39
C VAL A 125 4.09 -7.72 9.79
N THR A 126 3.30 -7.08 10.66
CA THR A 126 3.20 -7.50 12.05
C THR A 126 2.25 -8.69 12.27
N LYS A 127 1.22 -8.79 11.44
CA LYS A 127 0.23 -9.86 11.61
C LYS A 127 0.06 -10.69 10.34
N PRO A 128 1.12 -11.43 9.94
CA PRO A 128 1.18 -12.14 8.66
C PRO A 128 0.06 -13.15 8.46
N LEU A 129 -0.40 -13.75 9.55
CA LEU A 129 -1.41 -14.81 9.48
C LEU A 129 -2.84 -14.27 9.48
N THR A 130 -3.14 -13.42 10.46
CA THR A 130 -4.49 -12.95 10.68
C THR A 130 -4.92 -11.81 9.77
N TYR A 131 -4.05 -10.81 9.63
CA TYR A 131 -4.43 -9.56 8.98
C TYR A 131 -4.70 -9.65 7.47
N PRO A 132 -3.73 -10.17 6.70
CA PRO A 132 -3.83 -10.12 5.24
C PRO A 132 -5.15 -10.66 4.69
N VAL A 133 -5.77 -11.58 5.41
CA VAL A 133 -7.00 -12.21 4.95
C VAL A 133 -8.18 -11.23 4.95
N LYS A 134 -8.15 -10.27 5.87
CA LYS A 134 -9.26 -9.33 6.02
C LYS A 134 -9.09 -8.04 5.22
N ARG A 135 -8.08 -8.01 4.36
CA ARG A 135 -7.86 -6.89 3.46
C ARG A 135 -8.71 -7.06 2.20
N THR A 136 -9.86 -6.40 2.15
CA THR A 136 -10.76 -6.52 1.01
C THR A 136 -10.96 -5.19 0.30
N THR A 137 -11.56 -5.23 -0.89
CA THR A 137 -11.86 -4.02 -1.64
C THR A 137 -12.82 -3.14 -0.86
N LYS A 138 -13.69 -3.76 -0.06
CA LYS A 138 -14.66 -3.01 0.73
C LYS A 138 -13.99 -2.19 1.82
N MET A 139 -13.16 -2.84 2.64
CA MET A 139 -12.42 -2.15 3.68
C MET A 139 -11.64 -0.97 3.10
N ALA A 140 -11.03 -1.21 1.93
CA ALA A 140 -10.27 -0.18 1.25
C ALA A 140 -11.13 1.05 0.94
N GLY A 141 -12.20 0.83 0.17
CA GLY A 141 -13.11 1.90 -0.21
C GLY A 141 -13.64 2.68 0.98
N MET A 142 -13.82 1.99 2.10
CA MET A 142 -14.32 2.62 3.31
C MET A 142 -13.26 3.48 3.99
N MET A 143 -12.03 2.98 4.03
CA MET A 143 -10.91 3.74 4.58
C MET A 143 -10.63 4.97 3.73
N ILE A 144 -10.72 4.82 2.41
CA ILE A 144 -10.56 5.93 1.49
C ILE A 144 -11.69 6.93 1.73
N ALA A 145 -12.92 6.42 1.83
CA ALA A 145 -14.07 7.25 2.09
C ALA A 145 -13.87 8.08 3.36
N ALA A 146 -13.45 7.41 4.43
CA ALA A 146 -13.20 8.09 5.70
C ALA A 146 -12.15 9.18 5.54
N ALA A 147 -11.10 8.87 4.77
CA ALA A 147 -10.01 9.81 4.56
C ALA A 147 -10.48 11.11 3.93
N TRP A 148 -11.15 11.00 2.78
CA TRP A 148 -11.69 12.15 2.07
C TRP A 148 -12.68 12.92 2.93
N VAL A 149 -13.71 12.22 3.40
CA VAL A 149 -14.75 12.84 4.21
C VAL A 149 -14.17 13.55 5.44
N LEU A 150 -13.28 12.86 6.14
CA LEU A 150 -12.69 13.43 7.35
C LEU A 150 -11.87 14.68 7.04
N SER A 151 -11.02 14.58 6.03
CA SER A 151 -10.21 15.72 5.58
C SER A 151 -11.10 16.93 5.30
N PHE A 152 -12.08 16.72 4.42
CA PHE A 152 -13.04 17.77 4.07
C PHE A 152 -13.64 18.41 5.31
N ILE A 153 -14.18 17.59 6.20
CA ILE A 153 -14.80 18.07 7.43
C ILE A 153 -13.88 18.99 8.22
N LEU A 154 -12.59 18.69 8.21
CA LEU A 154 -11.62 19.48 8.96
C LEU A 154 -11.36 20.84 8.32
N TRP A 155 -10.96 20.82 7.04
CA TRP A 155 -10.54 22.04 6.35
C TRP A 155 -11.68 22.89 5.80
N ALA A 156 -12.52 22.29 4.97
CA ALA A 156 -13.57 23.02 4.26
C ALA A 156 -14.35 24.01 5.14
N PRO A 157 -15.04 23.53 6.19
CA PRO A 157 -15.85 24.43 7.01
C PRO A 157 -15.04 25.61 7.54
N ALA A 158 -13.92 25.31 8.20
CA ALA A 158 -13.07 26.32 8.79
C ALA A 158 -12.63 27.37 7.76
N ILE A 159 -12.15 26.90 6.61
CA ILE A 159 -11.62 27.79 5.58
C ILE A 159 -12.66 28.73 4.98
N LEU A 160 -13.83 28.20 4.67
CA LEU A 160 -14.89 28.97 4.02
C LEU A 160 -15.67 29.86 4.98
N PHE A 161 -15.91 29.34 6.17
CA PHE A 161 -16.84 29.99 7.10
C PHE A 161 -16.17 30.73 8.25
N TRP A 162 -14.84 30.71 8.29
CA TRP A 162 -14.12 31.38 9.37
C TRP A 162 -14.48 32.86 9.44
N GLN A 163 -14.62 33.48 8.27
CA GLN A 163 -14.97 34.89 8.18
C GLN A 163 -16.29 35.17 8.89
N PHE A 164 -17.29 34.33 8.63
CA PHE A 164 -18.60 34.47 9.24
C PHE A 164 -18.54 34.19 10.75
N ILE A 165 -17.70 33.24 11.13
CA ILE A 165 -17.52 32.89 12.54
C ILE A 165 -17.05 34.11 13.33
N VAL A 166 -15.99 34.75 12.84
CA VAL A 166 -15.43 35.93 13.49
C VAL A 166 -16.25 37.17 13.13
N GLY A 167 -16.96 37.11 12.01
CA GLY A 167 -17.84 38.19 11.61
C GLY A 167 -17.23 39.18 10.62
N VAL A 168 -15.92 39.07 10.42
CA VAL A 168 -15.21 39.98 9.53
C VAL A 168 -14.27 39.21 8.60
N ARG A 169 -14.07 39.74 7.39
CA ARG A 169 -13.14 39.14 6.44
C ARG A 169 -11.85 39.95 6.35
N THR A 170 -10.74 39.32 6.71
CA THR A 170 -9.44 39.98 6.70
C THR A 170 -8.83 39.99 5.31
N VAL A 171 -9.25 39.04 4.47
CA VAL A 171 -8.73 38.92 3.13
C VAL A 171 -9.29 39.99 2.20
N GLU A 172 -8.41 40.70 1.50
CA GLU A 172 -8.83 41.75 0.58
C GLU A 172 -9.18 41.20 -0.80
N ASP A 173 -9.54 42.10 -1.72
CA ASP A 173 -10.09 41.70 -3.01
C ASP A 173 -9.05 41.26 -4.04
N GLY A 174 -7.79 41.62 -3.83
CA GLY A 174 -6.75 41.28 -4.77
C GLY A 174 -5.85 40.16 -4.27
N GLU A 175 -6.14 39.67 -3.07
CA GLU A 175 -5.31 38.65 -2.44
C GLU A 175 -6.13 37.42 -2.05
N CYS A 176 -5.45 36.30 -1.92
CA CYS A 176 -6.11 35.04 -1.59
C CYS A 176 -5.28 34.22 -0.61
N TYR A 177 -5.78 34.06 0.60
CA TYR A 177 -5.09 33.29 1.63
C TYR A 177 -6.03 32.88 2.76
N ILE A 178 -5.61 31.88 3.53
CA ILE A 178 -6.39 31.41 4.68
C ILE A 178 -6.40 32.46 5.79
N GLN A 179 -7.59 32.86 6.22
CA GLN A 179 -7.74 33.99 7.12
C GLN A 179 -7.13 33.80 8.50
N PHE A 180 -7.38 32.65 9.14
CA PHE A 180 -6.81 32.41 10.47
C PHE A 180 -5.30 32.21 10.42
N PHE A 181 -4.77 32.01 9.22
CA PHE A 181 -3.32 31.87 9.04
C PHE A 181 -2.60 33.22 9.09
N SER A 182 -3.36 34.28 9.33
CA SER A 182 -2.76 35.61 9.42
C SER A 182 -1.74 35.65 10.55
N ASN A 183 -2.02 34.90 11.62
CA ASN A 183 -1.06 34.75 12.71
C ASN A 183 -0.11 33.59 12.43
N ALA A 184 1.18 33.89 12.37
CA ALA A 184 2.20 32.89 12.04
C ALA A 184 2.16 31.69 12.98
N ALA A 185 2.01 31.96 14.27
CA ALA A 185 1.99 30.89 15.27
C ALA A 185 0.92 29.85 14.95
N VAL A 186 -0.27 30.32 14.58
CA VAL A 186 -1.38 29.43 14.25
C VAL A 186 -1.06 28.60 13.00
N THR A 187 -0.40 29.23 12.04
CA THR A 187 -0.02 28.56 10.80
C THR A 187 1.00 27.46 11.07
N PHE A 188 1.99 27.76 11.90
CA PHE A 188 2.98 26.76 12.30
C PHE A 188 2.31 25.61 13.06
N GLY A 189 1.50 25.96 14.03
CA GLY A 189 0.78 24.98 14.83
C GLY A 189 0.02 24.03 13.91
N THR A 190 -0.65 24.59 12.92
CA THR A 190 -1.42 23.80 11.98
C THR A 190 -0.53 22.90 11.13
N ALA A 191 0.64 23.42 10.76
CA ALA A 191 1.63 22.63 10.01
C ALA A 191 2.02 21.39 10.79
N ILE A 192 2.32 21.58 12.07
CA ILE A 192 2.71 20.47 12.95
C ILE A 192 1.65 19.38 12.99
N ALA A 193 0.42 19.78 13.27
CA ALA A 193 -0.70 18.83 13.39
C ALA A 193 -1.05 18.17 12.07
N ALA A 194 -0.98 18.93 10.97
CA ALA A 194 -1.41 18.44 9.67
C ALA A 194 -0.29 17.70 8.93
N PHE A 195 0.95 18.15 9.12
CA PHE A 195 2.07 17.61 8.35
C PHE A 195 3.11 16.89 9.19
N TYR A 196 3.64 17.56 10.21
CA TYR A 196 4.75 17.01 10.99
C TYR A 196 4.38 15.72 11.73
N LEU A 197 3.31 15.76 12.50
CA LEU A 197 2.91 14.58 13.29
C LEU A 197 2.66 13.34 12.45
N PRO A 198 1.84 13.46 11.38
CA PRO A 198 1.64 12.28 10.53
C PRO A 198 2.97 11.74 10.00
N VAL A 199 3.88 12.63 9.65
CA VAL A 199 5.21 12.21 9.19
C VAL A 199 5.95 11.47 10.30
N ILE A 200 5.93 12.04 11.50
CA ILE A 200 6.54 11.39 12.66
C ILE A 200 5.99 9.98 12.84
N ILE A 201 4.66 9.88 12.89
CA ILE A 201 4.01 8.60 13.05
C ILE A 201 4.40 7.61 11.96
N MET A 202 4.38 8.07 10.71
CA MET A 202 4.77 7.22 9.59
C MET A 202 6.21 6.74 9.77
N THR A 203 7.05 7.61 10.34
CA THR A 203 8.44 7.26 10.61
C THR A 203 8.53 6.13 11.63
N VAL A 204 7.81 6.30 12.75
CA VAL A 204 7.86 5.34 13.85
C VAL A 204 7.40 3.93 13.44
N LEU A 205 6.24 3.84 12.80
CA LEU A 205 5.71 2.53 12.44
C LEU A 205 6.50 1.89 11.28
N TYR A 206 7.10 2.72 10.44
CA TYR A 206 7.99 2.21 9.42
C TYR A 206 9.31 1.75 10.04
N TRP A 207 9.65 2.37 11.17
CA TRP A 207 10.79 1.92 11.96
C TRP A 207 10.51 0.50 12.45
N HIS A 208 9.31 0.29 13.00
CA HIS A 208 8.88 -1.04 13.42
C HIS A 208 8.82 -2.01 12.25
N ILE A 209 8.30 -1.55 11.12
CA ILE A 209 8.24 -2.37 9.92
C ILE A 209 9.65 -2.80 9.50
N SER A 210 10.60 -1.88 9.64
CA SER A 210 12.00 -2.18 9.35
C SER A 210 12.51 -3.27 10.28
N ARG A 211 12.33 -3.05 11.59
CA ARG A 211 12.76 -4.00 12.60
C ARG A 211 12.27 -5.41 12.28
N ALA A 212 10.99 -5.51 11.94
CA ALA A 212 10.35 -6.81 11.72
C ALA A 212 10.79 -7.48 10.43
N SER A 213 11.20 -6.68 9.44
CA SER A 213 11.48 -7.20 8.11
C SER A 213 12.97 -7.28 7.77
N LYS A 214 13.84 -7.03 8.75
CA LYS A 214 15.29 -6.99 8.51
C LYS A 214 15.77 -8.16 7.66
N SER A 215 15.41 -9.38 8.06
CA SER A 215 15.60 -10.55 7.22
C SER A 215 14.23 -10.97 6.72
N ARG A 216 13.84 -10.40 5.59
CA ARG A 216 12.46 -10.46 5.09
C ARG A 216 12.06 -11.75 4.39
N ILE A 217 11.47 -12.67 5.14
CA ILE A 217 10.78 -13.83 4.58
C ILE A 217 9.50 -14.01 5.38
N ASN A 218 8.39 -14.23 4.68
CA ASN A 218 7.14 -14.53 5.36
C ASN A 218 6.50 -15.82 4.84
N ILE A 219 5.43 -16.25 5.49
CA ILE A 219 4.77 -17.50 5.11
C ILE A 219 4.48 -17.54 3.61
N PHE A 220 4.20 -16.38 3.03
CA PHE A 220 3.91 -16.28 1.60
C PHE A 220 5.16 -16.60 0.77
N GLU A 221 6.26 -15.92 1.06
CA GLU A 221 7.51 -16.17 0.36
C GLU A 221 7.89 -17.63 0.51
N MET A 222 7.76 -18.13 1.74
CA MET A 222 8.08 -19.52 2.06
C MET A 222 7.32 -20.50 1.17
N LEU A 223 6.01 -20.33 1.08
CA LEU A 223 5.16 -21.25 0.35
C LEU A 223 5.26 -21.10 -1.17
N ARG A 224 5.66 -19.92 -1.63
CA ARG A 224 5.87 -19.71 -3.05
C ARG A 224 7.20 -20.31 -3.48
N ILE A 225 8.08 -20.53 -2.50
CA ILE A 225 9.35 -21.20 -2.74
C ILE A 225 9.14 -22.71 -2.77
N ASP A 226 8.40 -23.22 -1.79
CA ASP A 226 8.19 -24.66 -1.63
C ASP A 226 7.20 -25.22 -2.66
N GLU A 227 6.05 -24.56 -2.81
CA GLU A 227 5.03 -25.02 -3.73
C GLU A 227 5.02 -24.22 -5.02
N GLY A 228 5.86 -23.19 -5.09
CA GLY A 228 5.91 -22.34 -6.26
C GLY A 228 4.65 -21.50 -6.41
N LEU A 229 4.61 -20.70 -7.47
CA LEU A 229 3.45 -19.87 -7.76
C LEU A 229 3.11 -19.95 -9.25
N ARG A 230 2.02 -20.64 -9.56
CA ARG A 230 1.55 -20.77 -10.94
C ARG A 230 0.20 -20.09 -11.11
N LEU A 231 0.06 -19.32 -12.18
CA LEU A 231 -1.20 -18.62 -12.46
C LEU A 231 -2.08 -19.42 -13.40
N LYS A 232 -1.59 -20.57 -13.83
CA LYS A 232 -2.34 -21.47 -14.71
C LYS A 232 -2.50 -22.83 -14.06
N ILE A 233 -3.65 -23.46 -14.28
CA ILE A 233 -3.95 -24.77 -13.70
C ILE A 233 -2.86 -25.80 -14.04
N TYR A 234 -2.23 -26.34 -13.00
CA TYR A 234 -1.19 -27.35 -13.19
C TYR A 234 -1.51 -28.62 -12.40
N LYS A 235 -1.43 -29.76 -13.07
CA LYS A 235 -1.70 -31.04 -12.43
C LYS A 235 -0.64 -31.33 -11.36
N ASP A 236 -1.10 -31.66 -10.16
CA ASP A 236 -0.19 -31.98 -9.07
C ASP A 236 0.43 -33.35 -9.26
N THR A 237 1.53 -33.61 -8.57
CA THR A 237 2.20 -34.91 -8.64
C THR A 237 1.23 -36.03 -8.29
N GLU A 238 0.29 -35.74 -7.39
CA GLU A 238 -0.75 -36.68 -7.02
C GLU A 238 -1.72 -36.90 -8.18
N GLY A 239 -1.83 -35.90 -9.05
CA GLY A 239 -2.66 -36.01 -10.23
C GLY A 239 -3.90 -35.14 -10.19
N TYR A 240 -4.09 -34.43 -9.07
CA TYR A 240 -5.27 -33.57 -8.90
C TYR A 240 -5.05 -32.19 -9.50
N TYR A 241 -6.14 -31.41 -9.57
CA TYR A 241 -6.08 -30.05 -10.10
C TYR A 241 -5.63 -29.06 -9.02
N THR A 242 -4.77 -28.12 -9.40
CA THR A 242 -4.22 -27.14 -8.47
C THR A 242 -4.02 -25.78 -9.13
N ILE A 243 -4.01 -24.72 -8.31
CA ILE A 243 -3.83 -23.35 -8.81
C ILE A 243 -3.06 -22.49 -7.81
N GLY A 244 -2.49 -21.38 -8.30
CA GLY A 244 -1.77 -20.46 -7.45
C GLY A 244 -0.64 -21.08 -6.67
N ILE A 245 -0.67 -20.93 -5.36
CA ILE A 245 0.31 -21.56 -4.48
C ILE A 245 -0.26 -22.83 -3.86
N GLY A 246 -0.09 -23.95 -4.57
CA GLY A 246 -0.57 -25.23 -4.10
C GLY A 246 -1.96 -25.20 -3.51
N HIS A 247 -2.93 -24.71 -4.30
CA HIS A 247 -4.33 -24.72 -3.89
C HIS A 247 -5.10 -25.84 -4.60
N LEU A 248 -5.54 -26.83 -3.82
CA LEU A 248 -6.23 -27.99 -4.37
C LEU A 248 -7.63 -27.65 -4.90
N LEU A 249 -7.95 -28.11 -6.10
CA LEU A 249 -9.24 -27.79 -6.72
C LEU A 249 -10.20 -28.98 -6.79
N THR A 250 -9.88 -29.98 -7.60
CA THR A 250 -10.74 -31.15 -7.76
C THR A 250 -9.96 -32.39 -8.18
N LYS A 251 -10.64 -33.53 -8.24
CA LYS A 251 -10.01 -34.79 -8.54
C LYS A 251 -10.35 -35.26 -9.96
N SER A 252 -11.26 -34.54 -10.61
CA SER A 252 -11.79 -34.96 -11.90
C SER A 252 -10.77 -34.88 -13.03
N PRO A 253 -10.91 -35.78 -14.02
CA PRO A 253 -10.09 -35.76 -15.23
C PRO A 253 -10.56 -34.68 -16.19
N SER A 254 -11.75 -34.13 -15.94
CA SER A 254 -12.31 -33.06 -16.74
C SER A 254 -11.88 -31.70 -16.20
N LEU A 255 -11.16 -30.94 -17.02
CA LEU A 255 -10.68 -29.62 -16.63
C LEU A 255 -11.82 -28.74 -16.14
N ASN A 256 -12.94 -28.77 -16.87
CA ASN A 256 -14.10 -27.96 -16.51
C ASN A 256 -14.60 -28.22 -15.10
N ALA A 257 -14.36 -29.43 -14.59
CA ALA A 257 -14.73 -29.76 -13.22
C ALA A 257 -13.91 -28.92 -12.25
N ALA A 258 -12.66 -28.64 -12.62
CA ALA A 258 -11.80 -27.77 -11.83
C ALA A 258 -12.20 -26.31 -12.03
N LYS A 259 -12.35 -25.92 -13.29
CA LYS A 259 -12.75 -24.56 -13.64
C LYS A 259 -13.99 -24.14 -12.85
N SER A 260 -14.81 -25.11 -12.48
CA SER A 260 -16.01 -24.84 -11.69
C SER A 260 -15.62 -24.37 -10.30
N GLU A 261 -14.82 -25.18 -9.60
CA GLU A 261 -14.38 -24.83 -8.26
C GLU A 261 -13.55 -23.54 -8.25
N LEU A 262 -12.73 -23.35 -9.29
CA LEU A 262 -11.89 -22.16 -9.40
C LEU A 262 -12.74 -20.89 -9.54
N ASP A 263 -13.67 -20.91 -10.50
CA ASP A 263 -14.55 -19.77 -10.74
C ASP A 263 -15.46 -19.52 -9.53
N LYS A 264 -15.57 -20.51 -8.65
CA LYS A 264 -16.33 -20.35 -7.42
C LYS A 264 -15.50 -19.61 -6.37
N ALA A 265 -14.19 -19.86 -6.38
CA ALA A 265 -13.29 -19.19 -5.45
C ALA A 265 -12.97 -17.77 -5.91
N ILE A 266 -12.92 -17.58 -7.22
CA ILE A 266 -12.64 -16.27 -7.79
C ILE A 266 -13.91 -15.43 -7.89
N GLY A 267 -15.04 -16.08 -8.16
CA GLY A 267 -16.31 -15.40 -8.30
C GLY A 267 -16.46 -14.83 -9.70
N ARG A 268 -15.53 -15.21 -10.57
CA ARG A 268 -15.51 -14.73 -11.95
C ARG A 268 -15.11 -15.86 -12.88
N ASN A 269 -15.59 -15.80 -14.11
CA ASN A 269 -15.22 -16.78 -15.13
C ASN A 269 -13.78 -16.55 -15.59
N THR A 270 -12.87 -17.38 -15.07
CA THR A 270 -11.43 -17.22 -15.33
C THR A 270 -11.00 -17.89 -16.63
N ASN A 271 -11.80 -18.85 -17.09
CA ASN A 271 -11.44 -19.67 -18.24
C ASN A 271 -10.29 -20.61 -17.91
N GLY A 272 -9.79 -20.53 -16.68
CA GLY A 272 -8.70 -21.38 -16.23
C GLY A 272 -7.47 -20.61 -15.78
N VAL A 273 -7.47 -19.30 -16.05
CA VAL A 273 -6.31 -18.46 -15.73
C VAL A 273 -6.68 -17.31 -14.79
N ILE A 274 -5.90 -17.15 -13.73
CA ILE A 274 -6.10 -16.06 -12.79
C ILE A 274 -4.88 -15.15 -12.75
N THR A 275 -4.98 -14.07 -11.98
CA THR A 275 -3.90 -13.09 -11.90
C THR A 275 -2.99 -13.35 -10.71
N LYS A 276 -1.90 -12.59 -10.65
CA LYS A 276 -0.91 -12.72 -9.58
C LYS A 276 -1.51 -12.26 -8.25
N ASP A 277 -2.57 -11.47 -8.32
CA ASP A 277 -3.21 -10.93 -7.13
C ASP A 277 -4.30 -11.86 -6.60
N GLU A 278 -5.09 -12.43 -7.49
CA GLU A 278 -6.13 -13.38 -7.09
C GLU A 278 -5.49 -14.61 -6.46
N ALA A 279 -4.25 -14.89 -6.88
CA ALA A 279 -3.48 -15.99 -6.32
C ALA A 279 -3.21 -15.76 -4.84
N GLU A 280 -2.80 -14.53 -4.51
CA GLU A 280 -2.45 -14.17 -3.14
C GLU A 280 -3.69 -14.00 -2.27
N LYS A 281 -4.81 -13.66 -2.88
CA LYS A 281 -6.07 -13.53 -2.17
C LYS A 281 -6.57 -14.93 -1.78
N LEU A 282 -6.42 -15.88 -2.70
CA LEU A 282 -6.74 -17.28 -2.46
C LEU A 282 -5.78 -17.85 -1.41
N PHE A 283 -4.50 -17.49 -1.53
CA PHE A 283 -3.48 -17.96 -0.60
C PHE A 283 -3.82 -17.62 0.85
N ASN A 284 -4.12 -16.36 1.10
CA ASN A 284 -4.50 -15.90 2.43
C ASN A 284 -5.74 -16.62 2.95
N GLN A 285 -6.68 -16.88 2.05
CA GLN A 285 -7.88 -17.62 2.38
C GLN A 285 -7.51 -19.02 2.88
N ASP A 286 -6.57 -19.65 2.20
CA ASP A 286 -6.10 -20.99 2.59
C ASP A 286 -5.41 -20.93 3.95
N VAL A 287 -4.54 -19.94 4.13
CA VAL A 287 -3.82 -19.77 5.39
C VAL A 287 -4.78 -19.62 6.56
N ASP A 288 -5.71 -18.69 6.44
CA ASP A 288 -6.70 -18.46 7.49
C ASP A 288 -7.45 -19.74 7.79
N ALA A 289 -7.98 -20.36 6.73
CA ALA A 289 -8.70 -21.62 6.85
C ALA A 289 -7.81 -22.69 7.49
N ALA A 290 -6.55 -22.73 7.06
CA ALA A 290 -5.59 -23.67 7.62
C ALA A 290 -5.52 -23.56 9.13
N VAL A 291 -5.22 -22.36 9.61
CA VAL A 291 -5.12 -22.11 11.05
C VAL A 291 -6.39 -22.50 11.79
N ARG A 292 -7.53 -22.12 11.22
CA ARG A 292 -8.83 -22.40 11.82
C ARG A 292 -9.00 -23.88 12.07
N GLY A 293 -8.73 -24.68 11.04
CA GLY A 293 -8.85 -26.12 11.13
C GLY A 293 -7.88 -26.73 12.13
N ILE A 294 -6.66 -26.21 12.15
CA ILE A 294 -5.65 -26.68 13.10
C ILE A 294 -6.13 -26.49 14.53
N LEU A 295 -6.76 -25.35 14.78
CA LEU A 295 -7.27 -25.04 16.12
C LEU A 295 -8.47 -25.90 16.47
N ARG A 296 -9.25 -26.28 15.46
CA ARG A 296 -10.40 -27.16 15.66
C ARG A 296 -9.94 -28.62 15.66
N ASN A 297 -8.65 -28.83 15.42
CA ASN A 297 -8.06 -30.17 15.43
C ASN A 297 -7.41 -30.47 16.77
N ALA A 298 -7.81 -31.59 17.38
CA ALA A 298 -7.35 -31.93 18.73
C ALA A 298 -5.87 -32.29 18.82
N LYS A 299 -5.36 -32.95 17.78
CA LYS A 299 -3.95 -33.34 17.76
C LYS A 299 -3.03 -32.16 17.48
N LEU A 300 -3.49 -31.23 16.66
CA LEU A 300 -2.64 -30.14 16.16
C LEU A 300 -2.69 -28.89 17.03
N LYS A 301 -3.83 -28.62 17.66
CA LYS A 301 -4.01 -27.39 18.43
C LYS A 301 -2.94 -27.13 19.49
N PRO A 302 -2.64 -28.13 20.35
CA PRO A 302 -1.68 -27.90 21.43
C PRO A 302 -0.32 -27.43 20.93
N VAL A 303 0.24 -28.10 19.93
CA VAL A 303 1.56 -27.73 19.41
C VAL A 303 1.53 -26.36 18.72
N TYR A 304 0.42 -26.05 18.05
CA TYR A 304 0.29 -24.76 17.40
C TYR A 304 0.28 -23.64 18.43
N ASP A 305 -0.40 -23.89 19.55
CA ASP A 305 -0.47 -22.90 20.62
C ASP A 305 0.90 -22.58 21.21
N SER A 306 1.76 -23.60 21.27
CA SER A 306 3.06 -23.47 21.91
C SER A 306 4.10 -22.84 21.00
N LEU A 307 3.94 -23.04 19.70
CA LEU A 307 4.93 -22.55 18.73
C LEU A 307 4.87 -21.03 18.55
N ASP A 308 5.96 -20.48 18.02
CA ASP A 308 6.04 -19.07 17.71
C ASP A 308 5.67 -18.83 16.25
N ALA A 309 5.61 -17.55 15.86
CA ALA A 309 5.17 -17.18 14.51
C ALA A 309 5.90 -17.95 13.40
N VAL A 310 7.22 -17.99 13.45
CA VAL A 310 8.01 -18.66 12.42
C VAL A 310 7.73 -20.15 12.38
N ARG A 311 7.78 -20.79 13.54
CA ARG A 311 7.53 -22.23 13.63
C ARG A 311 6.07 -22.56 13.35
N ARG A 312 5.18 -21.62 13.63
CA ARG A 312 3.77 -21.80 13.29
C ARG A 312 3.59 -21.84 11.79
N ALA A 313 4.39 -21.04 11.08
CA ALA A 313 4.37 -21.00 9.63
C ALA A 313 4.85 -22.34 9.06
N ALA A 314 5.94 -22.85 9.63
CA ALA A 314 6.48 -24.14 9.22
C ALA A 314 5.40 -25.21 9.28
N LEU A 315 4.65 -25.22 10.38
CA LEU A 315 3.58 -26.19 10.57
C LEU A 315 2.53 -26.04 9.49
N ILE A 316 2.06 -24.80 9.30
CA ILE A 316 1.11 -24.49 8.25
C ILE A 316 1.58 -25.02 6.90
N ASN A 317 2.89 -24.88 6.65
CA ASN A 317 3.49 -25.40 5.43
C ASN A 317 3.22 -26.89 5.28
N MET A 318 3.38 -27.64 6.37
CA MET A 318 3.17 -29.08 6.37
C MET A 318 1.71 -29.42 6.10
N VAL A 319 0.81 -28.72 6.77
CA VAL A 319 -0.62 -28.90 6.54
C VAL A 319 -0.96 -28.62 5.08
N PHE A 320 -0.31 -27.61 4.52
CA PHE A 320 -0.48 -27.30 3.10
C PHE A 320 -0.15 -28.51 2.22
N GLN A 321 1.01 -29.10 2.45
CA GLN A 321 1.51 -30.18 1.61
C GLN A 321 0.76 -31.50 1.81
N MET A 322 0.72 -32.00 3.04
CA MET A 322 0.18 -33.32 3.30
C MET A 322 -1.21 -33.29 3.95
N GLY A 323 -1.72 -32.08 4.20
CA GLY A 323 -3.01 -31.94 4.83
C GLY A 323 -2.93 -32.13 6.33
N GLU A 324 -3.94 -31.68 7.06
CA GLU A 324 -3.92 -31.74 8.51
C GLU A 324 -4.01 -33.18 9.03
N THR A 325 -4.67 -34.04 8.28
CA THR A 325 -4.78 -35.45 8.67
C THR A 325 -3.41 -36.11 8.58
N GLY A 326 -2.61 -35.69 7.60
CA GLY A 326 -1.26 -36.21 7.42
C GLY A 326 -0.34 -35.72 8.52
N VAL A 327 -0.31 -34.40 8.73
CA VAL A 327 0.50 -33.79 9.76
C VAL A 327 0.20 -34.40 11.13
N ALA A 328 -1.06 -34.76 11.34
CA ALA A 328 -1.49 -35.35 12.59
C ALA A 328 -0.77 -36.68 12.86
N GLY A 329 -0.29 -37.31 11.79
CA GLY A 329 0.43 -38.56 11.92
C GLY A 329 1.79 -38.39 12.56
N PHE A 330 2.22 -37.14 12.71
CA PHE A 330 3.53 -36.84 13.28
C PHE A 330 3.44 -36.55 14.78
N THR A 331 2.46 -37.16 15.43
CA THR A 331 2.24 -36.97 16.86
C THR A 331 3.53 -37.01 17.69
N ASN A 332 4.37 -38.00 17.40
CA ASN A 332 5.63 -38.17 18.11
C ASN A 332 6.54 -36.96 17.98
N SER A 333 6.78 -36.52 16.76
CA SER A 333 7.62 -35.35 16.50
C SER A 333 6.95 -34.08 17.02
N LEU A 334 5.64 -33.99 16.82
CA LEU A 334 4.88 -32.85 17.34
C LEU A 334 5.08 -32.69 18.84
N ARG A 335 5.03 -33.81 19.57
CA ARG A 335 5.24 -33.78 21.00
C ARG A 335 6.66 -33.32 21.35
N MET A 336 7.60 -33.60 20.45
CA MET A 336 8.99 -33.20 20.65
C MET A 336 9.14 -31.70 20.44
N LEU A 337 8.29 -31.14 19.58
CA LEU A 337 8.26 -29.69 19.37
C LEU A 337 7.71 -28.99 20.60
N GLN A 338 6.60 -29.51 21.14
CA GLN A 338 5.99 -28.93 22.32
C GLN A 338 6.94 -28.95 23.52
N GLN A 339 7.84 -29.93 23.53
CA GLN A 339 8.85 -30.03 24.57
C GLN A 339 10.03 -29.10 24.31
N LYS A 340 9.99 -28.41 23.16
CA LYS A 340 10.99 -27.42 22.82
C LYS A 340 12.37 -28.03 22.57
N ARG A 341 12.37 -29.31 22.22
CA ARG A 341 13.60 -30.04 21.88
C ARG A 341 13.76 -30.05 20.37
N TRP A 342 14.38 -29.00 19.84
CA TRP A 342 14.37 -28.76 18.39
C TRP A 342 15.21 -29.75 17.58
N ASP A 343 16.43 -29.99 18.03
CA ASP A 343 17.35 -30.86 17.28
C ASP A 343 16.83 -32.29 17.19
N GLU A 344 16.23 -32.77 18.28
CA GLU A 344 15.69 -34.12 18.31
C GLU A 344 14.40 -34.19 17.49
N ALA A 345 13.62 -33.12 17.52
CA ALA A 345 12.42 -33.03 16.71
C ALA A 345 12.79 -33.14 15.23
N ALA A 346 13.91 -32.52 14.87
CA ALA A 346 14.41 -32.55 13.50
C ALA A 346 14.83 -33.96 13.11
N VAL A 347 15.70 -34.56 13.93
CA VAL A 347 16.15 -35.93 13.71
C VAL A 347 14.95 -36.86 13.52
N ASN A 348 13.94 -36.67 14.36
CA ASN A 348 12.77 -37.53 14.33
C ASN A 348 11.93 -37.31 13.06
N LEU A 349 11.88 -36.07 12.60
CA LEU A 349 11.12 -35.73 11.40
C LEU A 349 11.73 -36.30 10.13
N ALA A 350 13.06 -36.42 10.13
CA ALA A 350 13.79 -36.91 8.96
C ALA A 350 13.59 -38.42 8.76
N LYS A 351 13.05 -39.09 9.77
CA LYS A 351 12.80 -40.53 9.70
C LYS A 351 11.54 -40.85 8.90
N SER A 352 10.76 -39.82 8.59
CA SER A 352 9.53 -39.99 7.81
C SER A 352 9.84 -40.16 6.33
N ARG A 353 8.91 -40.75 5.59
CA ARG A 353 9.07 -40.90 4.15
C ARG A 353 8.82 -39.58 3.45
N TRP A 354 8.07 -38.71 4.12
CA TRP A 354 7.86 -37.34 3.65
C TRP A 354 9.20 -36.68 3.36
N TYR A 355 10.15 -36.88 4.26
CA TYR A 355 11.49 -36.33 4.10
C TYR A 355 12.19 -36.91 2.87
N ASN A 356 11.91 -38.18 2.58
CA ASN A 356 12.56 -38.88 1.49
C ASN A 356 11.94 -38.60 0.12
N GLN A 357 10.65 -38.25 0.12
CA GLN A 357 9.93 -38.02 -1.13
C GLN A 357 9.97 -36.54 -1.57
N THR A 358 10.21 -35.65 -0.61
CA THR A 358 10.38 -34.23 -0.90
C THR A 358 11.51 -33.63 -0.07
N PRO A 359 12.74 -34.12 -0.29
CA PRO A 359 13.94 -33.78 0.47
C PRO A 359 14.11 -32.28 0.69
N ASN A 360 14.30 -31.54 -0.40
CA ASN A 360 14.56 -30.11 -0.34
C ASN A 360 13.57 -29.30 0.51
N ARG A 361 12.29 -29.39 0.18
CA ARG A 361 11.27 -28.66 0.92
C ARG A 361 11.23 -29.10 2.38
N ALA A 362 11.29 -30.41 2.60
CA ALA A 362 11.28 -30.95 3.94
C ALA A 362 12.43 -30.40 4.79
N LYS A 363 13.62 -30.39 4.19
CA LYS A 363 14.82 -29.91 4.88
C LYS A 363 14.65 -28.49 5.40
N ARG A 364 14.09 -27.62 4.56
CA ARG A 364 13.87 -26.23 4.93
C ARG A 364 12.86 -26.09 6.06
N VAL A 365 11.74 -26.79 5.94
CA VAL A 365 10.69 -26.74 6.95
C VAL A 365 11.20 -27.28 8.29
N ILE A 366 11.87 -28.43 8.24
CA ILE A 366 12.46 -29.01 9.45
C ILE A 366 13.47 -28.04 10.06
N THR A 367 14.35 -27.51 9.20
CA THR A 367 15.33 -26.51 9.63
C THR A 367 14.66 -25.31 10.27
N THR A 368 13.51 -24.90 9.73
CA THR A 368 12.75 -23.79 10.29
C THR A 368 12.28 -24.14 11.72
N PHE A 369 11.85 -25.38 11.90
CA PHE A 369 11.47 -25.89 13.22
C PHE A 369 12.70 -25.90 14.14
N ARG A 370 13.84 -26.25 13.55
CA ARG A 370 15.09 -26.35 14.30
C ARG A 370 15.56 -25.01 14.86
N THR A 371 15.64 -24.01 13.99
CA THR A 371 16.23 -22.72 14.33
C THR A 371 15.21 -21.71 14.86
N GLY A 372 13.99 -21.76 14.31
CA GLY A 372 12.96 -20.81 14.69
C GLY A 372 13.11 -19.50 13.94
N THR A 373 13.87 -19.54 12.85
CA THR A 373 14.12 -18.36 12.02
C THR A 373 13.85 -18.68 10.56
N TRP A 374 13.99 -17.68 9.70
CA TRP A 374 13.73 -17.85 8.28
C TRP A 374 15.01 -18.17 7.49
N ASP A 375 16.09 -18.42 8.22
CA ASP A 375 17.42 -18.55 7.62
C ASP A 375 17.59 -19.71 6.65
N ALA A 376 16.57 -20.55 6.51
CA ALA A 376 16.64 -21.68 5.59
C ALA A 376 16.07 -21.29 4.23
N TYR A 377 15.60 -20.05 4.14
CA TYR A 377 14.94 -19.57 2.92
C TYR A 377 15.64 -18.35 2.31
N PRO A 378 15.89 -18.40 1.00
CA PRO A 378 16.52 -17.32 0.24
C PRO A 378 15.52 -16.23 -0.15
N PRO A 379 15.86 -14.97 0.13
CA PRO A 379 15.02 -13.82 -0.23
C PRO A 379 14.84 -13.70 -1.75
N PRO A 380 13.73 -13.09 -2.17
CA PRO A 380 13.33 -12.95 -3.58
C PRO A 380 14.35 -12.21 -4.46
N SER A 381 15.26 -11.47 -3.85
CA SER A 381 16.30 -10.74 -4.57
C SER A 381 15.73 -9.54 -5.35
N ARG A 382 14.43 -9.55 -5.59
CA ARG A 382 13.75 -8.39 -6.15
C ARG A 382 12.58 -8.02 -5.25
N GLU A 383 12.64 -6.83 -4.66
CA GLU A 383 11.62 -6.38 -3.70
C GLU A 383 10.23 -6.29 -4.32
N LYS A 384 9.21 -6.39 -3.48
CA LYS A 384 7.83 -6.29 -3.93
C LYS A 384 7.55 -4.99 -4.68
N LYS A 385 6.62 -5.04 -5.61
CA LYS A 385 6.19 -3.83 -6.33
C LYS A 385 5.55 -2.84 -5.36
N VAL A 386 4.82 -3.37 -4.39
CA VAL A 386 4.13 -2.55 -3.40
C VAL A 386 5.10 -1.78 -2.50
N THR A 387 6.10 -2.48 -1.97
CA THR A 387 7.09 -1.85 -1.10
C THR A 387 7.97 -0.91 -1.91
N ARG A 388 8.29 -1.34 -3.13
CA ARG A 388 9.12 -0.57 -4.03
C ARG A 388 8.45 0.77 -4.37
N THR A 389 7.15 0.71 -4.67
CA THR A 389 6.37 1.90 -4.97
C THR A 389 6.22 2.79 -3.74
N ILE A 390 5.79 2.19 -2.63
CA ILE A 390 5.58 2.92 -1.39
C ILE A 390 6.78 3.78 -1.00
N LEU A 391 7.98 3.20 -1.11
CA LEU A 391 9.19 3.92 -0.73
C LEU A 391 9.35 5.20 -1.56
N ALA A 392 9.22 5.06 -2.88
CA ALA A 392 9.36 6.20 -3.78
C ALA A 392 8.32 7.27 -3.47
N ILE A 393 7.10 6.84 -3.21
CA ILE A 393 6.02 7.76 -2.86
C ILE A 393 6.40 8.61 -1.65
N LEU A 394 6.89 7.94 -0.60
CA LEU A 394 7.28 8.63 0.62
C LEU A 394 8.43 9.61 0.37
N LEU A 395 9.50 9.11 -0.24
CA LEU A 395 10.63 9.97 -0.59
C LEU A 395 10.15 11.24 -1.29
N ALA A 396 9.41 11.04 -2.39
CA ALA A 396 8.88 12.16 -3.16
C ALA A 396 8.07 13.10 -2.27
N PHE A 397 7.17 12.53 -1.47
CA PHE A 397 6.33 13.32 -0.58
C PHE A 397 7.14 14.19 0.37
N ILE A 398 8.06 13.56 1.10
CA ILE A 398 8.86 14.28 2.10
C ILE A 398 9.80 15.31 1.49
N ILE A 399 10.48 14.94 0.40
CA ILE A 399 11.44 15.83 -0.23
C ILE A 399 10.78 17.07 -0.84
N THR A 400 9.54 16.93 -1.27
CA THR A 400 8.82 18.03 -1.93
C THR A 400 8.04 18.91 -0.95
N TRP A 401 7.60 18.33 0.15
CA TRP A 401 6.79 19.04 1.13
C TRP A 401 7.62 19.65 2.26
N ALA A 402 8.77 19.05 2.56
CA ALA A 402 9.62 19.55 3.64
C ALA A 402 10.06 21.00 3.43
N PRO A 403 10.55 21.33 2.20
CA PRO A 403 10.96 22.70 1.91
C PRO A 403 9.93 23.72 2.37
N TYR A 404 8.69 23.54 1.91
CA TYR A 404 7.62 24.47 2.24
C TYR A 404 7.36 24.54 3.74
N ASN A 405 7.26 23.38 4.38
CA ASN A 405 6.94 23.32 5.80
C ASN A 405 8.07 23.81 6.70
N VAL A 406 9.31 23.55 6.33
CA VAL A 406 10.43 24.11 7.08
C VAL A 406 10.50 25.61 6.82
N MET A 407 9.88 26.02 5.71
CA MET A 407 9.77 27.44 5.37
C MET A 407 8.84 28.10 6.36
N VAL A 408 7.76 27.40 6.70
CA VAL A 408 6.80 27.88 7.68
C VAL A 408 7.47 27.99 9.04
N LEU A 409 8.15 26.93 9.46
CA LEU A 409 8.90 26.92 10.71
C LEU A 409 9.79 28.15 10.84
N ILE A 410 10.68 28.34 9.87
CA ILE A 410 11.58 29.48 9.87
C ILE A 410 10.81 30.80 9.89
N ASN A 411 9.70 30.85 9.18
CA ASN A 411 8.86 32.05 9.12
C ASN A 411 8.31 32.45 10.48
N THR A 412 8.33 31.53 11.44
CA THR A 412 7.75 31.76 12.74
C THR A 412 8.54 32.82 13.52
N PHE A 413 9.86 32.76 13.44
CA PHE A 413 10.70 33.70 14.18
C PHE A 413 11.25 34.81 13.27
N CYS A 414 11.28 34.55 11.97
CA CYS A 414 11.82 35.52 11.02
C CYS A 414 11.11 35.48 9.68
N ALA A 415 10.20 36.42 9.48
CA ALA A 415 9.42 36.50 8.24
C ALA A 415 10.23 37.04 7.06
N PRO A 416 11.00 38.13 7.27
CA PRO A 416 11.78 38.72 6.18
C PRO A 416 12.83 37.75 5.60
N CYS A 417 13.24 36.76 6.38
CA CYS A 417 14.24 35.80 5.92
C CYS A 417 13.80 35.08 4.66
N ILE A 418 12.50 34.79 4.58
CA ILE A 418 11.94 34.07 3.44
C ILE A 418 11.31 35.02 2.43
N PRO A 419 11.99 35.25 1.29
CA PRO A 419 11.46 36.09 0.22
C PRO A 419 10.24 35.44 -0.43
N ASN A 420 9.55 36.20 -1.29
CA ASN A 420 8.38 35.67 -1.98
C ASN A 420 8.77 34.60 -3.01
N THR A 421 9.84 34.86 -3.75
CA THR A 421 10.33 33.89 -4.76
C THR A 421 10.58 32.53 -4.13
N VAL A 422 10.98 32.53 -2.86
CA VAL A 422 11.21 31.27 -2.15
C VAL A 422 9.90 30.55 -1.88
N TRP A 423 8.91 31.28 -1.37
CA TRP A 423 7.58 30.72 -1.14
C TRP A 423 7.03 30.10 -2.42
N THR A 424 7.23 30.79 -3.54
CA THR A 424 6.74 30.31 -4.83
C THR A 424 7.37 28.97 -5.16
N ILE A 425 8.67 28.85 -4.92
CA ILE A 425 9.39 27.61 -5.17
C ILE A 425 8.82 26.51 -4.28
N GLY A 426 8.65 26.82 -3.00
CA GLY A 426 8.05 25.90 -2.06
C GLY A 426 6.71 25.38 -2.56
N TYR A 427 5.88 26.29 -3.06
CA TYR A 427 4.55 25.94 -3.57
C TYR A 427 4.64 24.97 -4.76
N TRP A 428 5.52 25.28 -5.70
CA TRP A 428 5.65 24.46 -6.90
C TRP A 428 6.23 23.08 -6.63
N LEU A 429 7.06 22.98 -5.60
CA LEU A 429 7.58 21.69 -5.18
C LEU A 429 6.43 20.81 -4.70
N CYS A 430 5.66 21.31 -3.75
CA CYS A 430 4.48 20.61 -3.26
C CYS A 430 3.56 20.22 -4.41
N TYR A 431 3.46 21.09 -5.41
CA TYR A 431 2.57 20.85 -6.54
C TYR A 431 3.09 19.73 -7.45
N ILE A 432 4.34 19.87 -7.91
CA ILE A 432 4.92 18.91 -8.85
C ILE A 432 4.99 17.49 -8.27
N ASN A 433 4.94 17.38 -6.94
CA ASN A 433 4.91 16.07 -6.30
C ASN A 433 3.71 15.26 -6.78
N SER A 434 2.69 15.97 -7.23
CA SER A 434 1.51 15.34 -7.81
C SER A 434 1.80 14.95 -9.24
N THR A 435 2.90 15.46 -9.79
CA THR A 435 3.28 15.18 -11.17
C THR A 435 4.17 13.94 -11.26
N ILE A 436 5.09 13.79 -10.31
CA ILE A 436 6.05 12.70 -10.33
C ILE A 436 5.51 11.40 -9.76
N ASN A 437 4.28 11.42 -9.26
CA ASN A 437 3.66 10.21 -8.74
C ASN A 437 3.43 9.14 -9.80
N PRO A 438 2.72 9.50 -10.89
CA PRO A 438 2.53 8.53 -11.98
C PRO A 438 3.87 8.06 -12.55
N ALA A 439 4.87 8.93 -12.53
CA ALA A 439 6.21 8.57 -12.98
C ALA A 439 6.74 7.41 -12.14
N CYS A 440 6.56 7.50 -10.83
CA CYS A 440 6.99 6.47 -9.88
C CYS A 440 6.28 5.15 -10.11
N TYR A 441 4.98 5.21 -10.37
CA TYR A 441 4.20 4.01 -10.60
C TYR A 441 4.75 3.25 -11.80
N ALA A 442 5.13 4.01 -12.82
CA ALA A 442 5.63 3.44 -14.06
C ALA A 442 7.04 2.87 -13.91
N LEU A 443 7.84 3.50 -13.06
CA LEU A 443 9.23 3.08 -12.85
C LEU A 443 9.33 1.94 -11.85
N CYS A 444 8.51 1.99 -10.81
CA CYS A 444 8.55 0.99 -9.75
C CYS A 444 7.60 -0.17 -10.02
N ASN A 445 6.79 -0.03 -11.08
CA ASN A 445 5.87 -1.08 -11.48
C ASN A 445 5.78 -1.20 -13.00
N ALA A 446 6.24 -2.33 -13.52
CA ALA A 446 6.30 -2.52 -14.97
C ALA A 446 4.92 -2.64 -15.60
N THR A 447 3.93 -3.06 -14.82
CA THR A 447 2.58 -3.24 -15.34
C THR A 447 1.91 -1.90 -15.64
N PHE A 448 2.13 -0.93 -14.75
CA PHE A 448 1.60 0.42 -14.96
C PHE A 448 2.21 1.06 -16.20
N LYS A 449 3.54 0.98 -16.31
CA LYS A 449 4.23 1.51 -17.48
C LYS A 449 3.69 0.88 -18.76
N LYS A 450 3.67 -0.45 -18.80
CA LYS A 450 3.10 -1.19 -19.93
C LYS A 450 1.71 -0.68 -20.27
N THR A 451 0.85 -0.63 -19.27
CA THR A 451 -0.53 -0.21 -19.47
C THR A 451 -0.59 1.19 -20.08
N PHE A 452 0.20 2.11 -19.53
CA PHE A 452 0.29 3.46 -20.09
C PHE A 452 0.65 3.40 -21.57
N LYS A 453 1.74 2.69 -21.86
CA LYS A 453 2.23 2.52 -23.23
C LYS A 453 1.11 2.09 -24.18
N HIS A 454 0.32 1.11 -23.76
CA HIS A 454 -0.78 0.60 -24.59
C HIS A 454 -1.97 1.55 -24.58
N LEU A 455 -2.08 2.37 -23.54
CA LEU A 455 -3.19 3.31 -23.42
C LEU A 455 -3.03 4.51 -24.35
N LEU A 456 -1.79 4.87 -24.65
CA LEU A 456 -1.51 5.97 -25.56
C LEU A 456 -1.96 5.60 -26.97
N MET A 457 -2.04 4.31 -27.23
CA MET A 457 -2.51 3.80 -28.51
C MET A 457 -3.85 3.10 -28.35
C1 QNB B . 0.76 21.62 4.94
C2 QNB B . -0.49 20.78 4.85
C3 QNB B . -1.72 21.39 4.61
C4 QNB B . -2.87 20.60 4.53
C5 QNB B . -2.78 19.22 4.69
C6 QNB B . -1.56 18.62 4.93
C7 QNB B . -0.42 19.41 5.02
C8 QNB B . 0.48 22.88 5.71
C9 QNB B . -0.19 22.81 6.93
C10 QNB B . -0.44 23.97 7.66
C11 QNB B . -0.01 25.21 7.18
C12 QNB B . 0.67 25.27 5.97
C13 QNB B . 0.92 24.11 5.24
C14 QNB B . 1.30 21.91 3.56
O15 QNB B . 1.73 20.87 5.66
O16 QNB B . 2.21 21.25 3.10
O17 QNB B . 0.76 22.99 2.75
C18 QNB B . 1.02 22.81 1.36
C19 QNB B . -0.06 21.92 0.75
N20 QNB B . -0.69 22.63 -0.38
C21 QNB B . -1.38 23.87 0.06
C22 QNB B . -0.41 24.75 0.83
C23 QNB B . 0.98 24.17 0.68
C24 QNB B . 1.25 24.02 -0.82
C25 QNB B . 0.34 22.93 -1.39
C2 BGC C . -6.76 -25.21 0.28
C3 BGC C . -5.41 -25.92 0.28
C4 BGC C . -4.61 -25.46 1.49
C5 BGC C . -5.38 -25.76 2.76
C6 BGC C . -4.63 -25.24 3.97
C1 BGC C . -7.50 -25.42 1.61
O1 BGC C . -8.64 -24.55 1.64
O2 BGC C . -7.56 -25.74 -0.79
O3 BGC C . -4.70 -25.57 -0.91
O4 BGC C . -3.36 -26.14 1.52
O5 BGC C . -6.68 -25.15 2.75
O6 BGC C . -5.36 -25.58 5.15
CL CL D . 5.45 -8.47 -7.47
CL CL E . -12.78 -8.32 -2.02
#